data_7RXX
#
_entry.id   7RXX
#
_cell.length_a   68.224
_cell.length_b   94.121
_cell.length_c   117.159
_cell.angle_alpha   90.000
_cell.angle_beta   90.000
_cell.angle_gamma   90.000
#
_symmetry.space_group_name_H-M   'I 2 2 2'
#
loop_
_entity.id
_entity.type
_entity.pdbx_description
1 polymer 'S-adenosylmethionine synthase isoform type-2'
2 non-polymer ALANINE
3 non-polymer "5'-DEOXY-5'-METHYLTHIOADENOSINE"
4 non-polymer 3,6,9,12,15-PENTAOXAHEPTADECANE
5 non-polymer 1,2-ETHANEDIOL
6 non-polymer 'SULFATE ION'
7 non-polymer 'MAGNESIUM ION'
8 non-polymer 'POTASSIUM ION'
9 non-polymer 'SODIUM ION'
10 water water
#
_entity_poly.entity_id   1
_entity_poly.type   'polypeptide(L)'
_entity_poly.pdbx_seq_one_letter_code
;MHHHHHHSSGVDLGTENLYFQSMNGQLNGFHEAFIEEGTFLFTSESVGEGHPDKICDQISDAVLDAHLQQDPDAKVACET
VAKTGMILLAGEITSRAAVDYQKVVREAVKHIGYDDSSKGFDYKTCNVLVALEQQSPDIAQGVHLDRNEEDIGAGDQGLM
FGYATDETEECMPLTIVLAHKLNAKLAELRRNGTLPWLRPDSKTQVTVQYMQDRGAVLPIRVHTIVISVQHDEEVCLDEM
RDALKEKVIKAVVPAKYLDEDTIYHLQPSGRFVIGGPQGDAGLTGRKIIVDTYGGWGAHGGGAFSGKDYTKVDRSAAYAA
RWVAKSLVKGGLCRRVLVQVSYAIGVSHPLSISIFHYGTSQKSERELLEIVKKNFDLRPGVIVRDLDLKKPIYQRTAAYG
HFGRDSFPWEVPKKLKY
;
_entity_poly.pdbx_strand_id   A
#
loop_
_chem_comp.id
_chem_comp.type
_chem_comp.name
_chem_comp.formula
EDO non-polymer 1,2-ETHANEDIOL 'C2 H6 O2'
K non-polymer 'POTASSIUM ION' 'K 1'
MG non-polymer 'MAGNESIUM ION' 'Mg 2'
MTA non-polymer 5'-DEOXY-5'-METHYLTHIOADENOSINE 'C11 H15 N5 O3 S'
NA non-polymer 'SODIUM ION' 'Na 1'
P3G non-polymer 3,6,9,12,15-PENTAOXAHEPTADECANE 'C12 H26 O5'
SO4 non-polymer 'SULFATE ION' 'O4 S -2'
#
# COMPACT_ATOMS: atom_id res chain seq x y z
N GLY A 38 9.44 -30.64 0.21
CA GLY A 38 8.16 -30.03 -0.09
C GLY A 38 8.00 -28.61 0.43
N THR A 39 9.02 -28.09 1.10
CA THR A 39 8.95 -26.74 1.64
C THR A 39 9.71 -25.77 0.75
N PHE A 40 9.39 -24.50 0.92
CA PHE A 40 10.05 -23.43 0.17
C PHE A 40 10.11 -22.20 1.05
N LEU A 41 10.99 -21.29 0.69
CA LEU A 41 11.10 -20.00 1.33
C LEU A 41 10.39 -18.93 0.51
N PHE A 42 9.86 -17.93 1.19
CA PHE A 42 9.34 -16.75 0.50
C PHE A 42 9.62 -15.55 1.37
N THR A 43 10.03 -14.45 0.76
CA THR A 43 10.43 -13.23 1.46
C THR A 43 9.58 -12.07 1.02
N SER A 44 9.17 -11.24 1.99
CA SER A 44 8.53 -9.95 1.71
C SER A 44 9.13 -8.89 2.60
N GLU A 45 9.00 -7.63 2.17
CA GLU A 45 9.49 -6.49 2.97
C GLU A 45 8.37 -5.48 3.22
N SER A 46 8.66 -4.61 4.18
CA SER A 46 7.82 -3.46 4.47
C SER A 46 8.72 -2.32 4.86
N VAL A 47 8.18 -1.11 4.84
CA VAL A 47 8.92 0.07 5.28
C VAL A 47 8.06 0.91 6.20
N GLY A 48 8.71 1.71 7.01
CA GLY A 48 8.01 2.55 7.95
C GLY A 48 7.50 3.86 7.38
N GLU A 49 6.75 4.57 8.23
CA GLU A 49 6.13 5.82 7.83
C GLU A 49 7.13 6.87 7.40
N GLY A 50 8.35 6.82 7.95
CA GLY A 50 9.37 7.78 7.62
C GLY A 50 10.33 7.35 6.56
N HIS A 51 10.13 6.18 5.96
CA HIS A 51 10.92 5.83 4.78
C HIS A 51 10.62 6.87 3.70
N PRO A 52 11.63 7.40 3.01
CA PRO A 52 11.36 8.57 2.15
CA PRO A 52 11.41 8.53 2.09
C PRO A 52 10.35 8.31 1.04
N ASP A 53 10.28 7.11 0.47
CA ASP A 53 9.25 6.83 -0.52
C ASP A 53 7.87 6.85 0.11
N LYS A 54 7.75 6.27 1.31
CA LYS A 54 6.47 6.27 1.99
C LYS A 54 6.06 7.66 2.45
N ILE A 55 7.01 8.51 2.82
CA ILE A 55 6.68 9.90 3.09
C ILE A 55 5.94 10.48 1.91
N CYS A 56 6.48 10.27 0.71
CA CYS A 56 5.86 10.79 -0.50
C CYS A 56 4.47 10.24 -0.73
N ASP A 57 4.27 8.94 -0.53
CA ASP A 57 2.93 8.37 -0.70
C ASP A 57 1.96 9.02 0.28
N GLN A 58 2.37 9.21 1.53
CA GLN A 58 1.50 9.81 2.53
C GLN A 58 1.17 11.26 2.20
N ILE A 59 2.15 12.03 1.74
CA ILE A 59 1.90 13.42 1.34
C ILE A 59 0.96 13.47 0.14
N SER A 60 1.21 12.63 -0.87
CA SER A 60 0.34 12.61 -2.04
C SER A 60 -1.11 12.32 -1.63
N ASP A 61 -1.31 11.39 -0.70
CA ASP A 61 -2.66 11.07 -0.26
C ASP A 61 -3.22 12.11 0.70
N ALA A 62 -2.38 12.83 1.44
CA ALA A 62 -2.87 13.97 2.22
C ALA A 62 -3.40 15.06 1.29
N VAL A 63 -2.72 15.30 0.18
CA VAL A 63 -3.18 16.26 -0.81
C VAL A 63 -4.49 15.81 -1.44
N LEU A 64 -4.57 14.54 -1.82
CA LEU A 64 -5.83 14.00 -2.34
C LEU A 64 -6.96 14.20 -1.35
N ASP A 65 -6.75 13.79 -0.09
CA ASP A 65 -7.79 13.92 0.90
C ASP A 65 -8.21 15.37 1.08
N ALA A 66 -7.25 16.29 1.09
CA ALA A 66 -7.57 17.70 1.28
C ALA A 66 -8.49 18.20 0.17
N HIS A 67 -8.22 17.80 -1.07
CA HIS A 67 -9.11 18.14 -2.18
C HIS A 67 -10.48 17.51 -2.03
N LEU A 68 -10.53 16.21 -1.70
CA LEU A 68 -11.82 15.51 -1.63
C LEU A 68 -12.68 16.02 -0.50
N GLN A 69 -12.09 16.55 0.57
CA GLN A 69 -12.87 17.11 1.66
C GLN A 69 -13.74 18.26 1.18
N GLN A 70 -13.28 19.00 0.18
CA GLN A 70 -14.03 20.14 -0.35
C GLN A 70 -14.71 19.85 -1.67
N ASP A 71 -14.13 18.99 -2.51
CA ASP A 71 -14.66 18.70 -3.84
C ASP A 71 -14.60 17.21 -4.06
N PRO A 72 -15.69 16.49 -3.80
CA PRO A 72 -15.65 15.03 -3.95
C PRO A 72 -15.31 14.56 -5.36
N ASP A 73 -15.47 15.41 -6.37
CA ASP A 73 -15.18 15.07 -7.76
C ASP A 73 -13.84 15.62 -8.22
N ALA A 74 -12.96 16.01 -7.30
CA ALA A 74 -11.65 16.47 -7.70
C ALA A 74 -10.92 15.42 -8.53
N LYS A 75 -10.24 15.89 -9.58
CA LYS A 75 -9.37 15.06 -10.40
CA LYS A 75 -9.37 15.06 -10.40
C LYS A 75 -7.94 15.33 -9.92
N VAL A 76 -7.31 14.31 -9.36
CA VAL A 76 -6.03 14.46 -8.68
C VAL A 76 -5.05 13.41 -9.17
N ALA A 77 -3.85 13.86 -9.50
CA ALA A 77 -2.75 12.99 -9.89
C ALA A 77 -1.50 13.68 -9.35
N CYS A 78 -1.27 13.53 -8.03
N CYS A 78 -1.35 13.68 -8.05
CA CYS A 78 -0.26 14.30 -7.29
CA CYS A 78 -0.20 14.33 -7.44
C CYS A 78 0.95 13.44 -6.96
C CYS A 78 0.89 13.30 -7.22
N GLU A 79 2.08 13.69 -7.61
CA GLU A 79 3.33 13.01 -7.30
C GLU A 79 4.12 13.87 -6.31
N THR A 80 4.83 13.24 -5.39
CA THR A 80 5.67 13.92 -4.42
C THR A 80 7.08 13.38 -4.56
N VAL A 81 8.06 14.27 -4.45
CA VAL A 81 9.48 13.92 -4.39
C VAL A 81 10.05 14.50 -3.13
N ALA A 82 10.91 13.75 -2.47
CA ALA A 82 11.54 14.20 -1.25
C ALA A 82 13.05 13.98 -1.33
N LYS A 83 13.81 14.99 -0.95
CA LYS A 83 15.27 14.88 -0.79
C LYS A 83 15.62 15.81 0.36
N THR A 84 16.88 15.87 0.74
CA THR A 84 17.30 16.72 1.85
C THR A 84 16.62 18.07 1.78
N GLY A 85 15.83 18.38 2.81
CA GLY A 85 15.22 19.68 2.95
C GLY A 85 14.12 20.02 2.00
N MET A 86 13.64 19.08 1.18
CA MET A 86 12.72 19.42 0.11
C MET A 86 11.59 18.42 -0.04
N ILE A 87 10.38 18.96 -0.13
CA ILE A 87 9.23 18.25 -0.67
C ILE A 87 8.80 19.01 -1.91
N LEU A 88 8.74 18.33 -3.05
CA LEU A 88 8.22 18.88 -4.29
C LEU A 88 6.94 18.14 -4.67
N LEU A 89 5.89 18.88 -4.97
CA LEU A 89 4.65 18.34 -5.51
C LEU A 89 4.63 18.60 -7.01
N ALA A 90 4.40 17.57 -7.80
N ALA A 90 4.50 17.53 -7.78
CA ALA A 90 4.35 17.72 -9.25
CA ALA A 90 4.37 17.57 -9.23
C ALA A 90 3.25 16.84 -9.81
C ALA A 90 3.01 16.99 -9.57
N GLY A 91 2.50 17.36 -10.73
CA GLY A 91 1.38 16.63 -11.27
C GLY A 91 0.24 17.52 -11.64
N GLU A 92 -0.95 16.94 -11.64
CA GLU A 92 -2.12 17.54 -12.26
C GLU A 92 -3.31 17.42 -11.34
N ILE A 93 -3.93 18.55 -11.05
CA ILE A 93 -5.13 18.61 -10.22
C ILE A 93 -6.10 19.59 -10.83
N THR A 94 -7.33 19.16 -11.04
CA THR A 94 -8.45 20.03 -11.38
C THR A 94 -9.51 19.84 -10.32
N SER A 95 -9.78 20.91 -9.59
CA SER A 95 -10.59 20.82 -8.38
C SER A 95 -11.17 22.17 -8.05
N ARG A 96 -12.34 22.16 -7.45
CA ARG A 96 -12.95 23.37 -6.90
C ARG A 96 -12.45 23.69 -5.51
N ALA A 97 -11.64 22.82 -4.91
CA ALA A 97 -11.14 23.05 -3.56
C ALA A 97 -10.11 24.17 -3.55
N ALA A 98 -9.99 24.82 -2.39
CA ALA A 98 -8.90 25.77 -2.11
C ALA A 98 -8.03 25.10 -1.06
N VAL A 99 -6.86 24.62 -1.48
CA VAL A 99 -5.98 23.81 -0.63
C VAL A 99 -4.70 24.57 -0.35
N ASP A 100 -4.33 24.64 0.91
CA ASP A 100 -3.08 25.28 1.34
C ASP A 100 -2.02 24.19 1.36
N TYR A 101 -1.27 24.07 0.26
CA TYR A 101 -0.31 22.98 0.13
C TYR A 101 0.78 23.05 1.19
N GLN A 102 1.23 24.25 1.54
CA GLN A 102 2.23 24.40 2.61
CA GLN A 102 2.25 24.36 2.58
C GLN A 102 1.77 23.70 3.86
N LYS A 103 0.54 24.01 4.29
CA LYS A 103 0.01 23.44 5.52
C LYS A 103 -0.21 21.94 5.40
N VAL A 104 -0.77 21.48 4.30
CA VAL A 104 -1.07 20.07 4.16
C VAL A 104 0.21 19.24 4.19
N VAL A 105 1.22 19.68 3.45
CA VAL A 105 2.48 18.94 3.39
C VAL A 105 3.13 18.92 4.76
N ARG A 106 3.22 20.09 5.40
CA ARG A 106 3.96 20.18 6.64
C ARG A 106 3.27 19.40 7.75
N GLU A 107 1.94 19.40 7.76
CA GLU A 107 1.18 18.63 8.78
C GLU A 107 1.43 17.13 8.56
N ALA A 108 1.54 16.66 7.32
CA ALA A 108 1.80 15.25 7.09
C ALA A 108 3.18 14.87 7.61
N VAL A 109 4.19 15.70 7.35
CA VAL A 109 5.55 15.44 7.80
C VAL A 109 5.62 15.46 9.32
N LYS A 110 4.91 16.41 9.95
CA LYS A 110 4.84 16.46 11.40
C LYS A 110 4.33 15.15 11.96
N HIS A 111 3.22 14.63 11.40
CA HIS A 111 2.62 13.40 11.89
C HIS A 111 3.60 12.24 11.81
N ILE A 112 4.37 12.17 10.74
CA ILE A 112 5.35 11.12 10.55
C ILE A 112 6.42 11.17 11.63
N GLY A 113 6.76 12.35 12.08
CA GLY A 113 7.71 12.51 13.16
C GLY A 113 8.98 13.27 12.84
N TYR A 114 9.08 13.85 11.64
CA TYR A 114 10.29 14.62 11.27
C TYR A 114 10.08 16.06 11.68
N ASP A 115 10.55 16.39 12.87
CA ASP A 115 10.28 17.66 13.53
C ASP A 115 11.53 18.34 14.05
N ASP A 116 12.72 17.98 13.57
CA ASP A 116 13.89 18.65 14.09
C ASP A 116 15.08 18.34 13.18
N SER A 117 15.95 19.33 13.02
CA SER A 117 17.11 19.12 12.16
CA SER A 117 17.22 19.24 12.32
C SER A 117 17.99 17.98 12.66
N SER A 118 17.99 17.67 13.96
CA SER A 118 18.79 16.56 14.45
C SER A 118 18.34 15.23 13.87
N LYS A 119 17.08 15.12 13.44
CA LYS A 119 16.53 13.90 12.87
C LYS A 119 16.73 13.84 11.37
N GLY A 120 17.28 14.89 10.78
CA GLY A 120 17.56 14.96 9.36
C GLY A 120 16.51 15.66 8.53
N PHE A 121 15.37 16.03 9.10
CA PHE A 121 14.27 16.63 8.36
C PHE A 121 13.33 17.26 9.36
N ASP A 122 12.79 18.44 9.03
CA ASP A 122 11.91 19.17 9.94
CA ASP A 122 11.91 19.17 9.94
C ASP A 122 10.78 19.81 9.16
N TYR A 123 9.54 19.42 9.47
CA TYR A 123 8.37 19.99 8.81
C TYR A 123 8.31 21.50 8.96
N LYS A 124 8.86 22.05 10.03
CA LYS A 124 8.73 23.48 10.26
C LYS A 124 9.56 24.29 9.30
N THR A 125 10.67 23.74 8.81
CA THR A 125 11.70 24.52 8.15
C THR A 125 12.11 23.97 6.81
N CYS A 126 11.51 22.88 6.34
CA CYS A 126 11.85 22.35 5.03
C CYS A 126 11.27 23.23 3.93
N ASN A 127 11.80 23.05 2.72
CA ASN A 127 11.27 23.69 1.52
C ASN A 127 10.12 22.88 0.98
N VAL A 128 9.01 23.53 0.67
CA VAL A 128 7.89 22.94 -0.06
C VAL A 128 7.74 23.69 -1.36
N LEU A 129 7.92 22.98 -2.46
CA LEU A 129 7.85 23.52 -3.80
C LEU A 129 6.67 22.90 -4.52
N VAL A 130 5.94 23.67 -5.31
CA VAL A 130 4.73 23.20 -5.96
C VAL A 130 4.80 23.44 -7.47
N ALA A 131 4.67 22.36 -8.24
CA ALA A 131 4.64 22.37 -9.70
C ALA A 131 3.39 21.60 -10.16
N LEU A 132 2.24 22.14 -9.82
CA LEU A 132 0.95 21.49 -10.09
C LEU A 132 0.24 22.31 -11.14
N GLU A 133 -0.30 21.62 -12.13
CA GLU A 133 -1.08 22.24 -13.18
C GLU A 133 -2.44 21.56 -13.22
N GLN A 134 -3.33 22.09 -14.04
CA GLN A 134 -4.62 21.44 -14.26
C GLN A 134 -4.44 20.13 -15.00
N GLN A 135 -5.42 19.24 -14.86
CA GLN A 135 -5.49 18.06 -15.70
C GLN A 135 -5.55 18.45 -17.17
N SER A 136 -4.81 17.71 -17.99
CA SER A 136 -4.85 17.95 -19.43
C SER A 136 -6.30 17.98 -19.92
N PRO A 137 -6.69 19.01 -20.67
CA PRO A 137 -8.06 18.99 -21.23
CA PRO A 137 -8.04 19.01 -21.27
C PRO A 137 -8.27 17.86 -22.23
N ASP A 138 -7.20 17.35 -22.87
CA ASP A 138 -7.36 16.23 -23.78
C ASP A 138 -7.73 14.97 -23.02
N ILE A 139 -7.14 14.78 -21.83
CA ILE A 139 -7.54 13.66 -20.98
C ILE A 139 -8.97 13.86 -20.50
N ALA A 140 -9.28 15.04 -19.99
CA ALA A 140 -10.59 15.27 -19.42
C ALA A 140 -11.69 14.97 -20.43
N GLN A 141 -11.53 15.45 -21.66
CA GLN A 141 -12.57 15.26 -22.66
C GLN A 141 -12.74 13.81 -23.03
N GLY A 142 -11.67 13.03 -22.94
CA GLY A 142 -11.73 11.63 -23.33
C GLY A 142 -12.18 10.70 -22.23
N VAL A 143 -12.14 11.16 -20.99
CA VAL A 143 -12.40 10.32 -19.83
C VAL A 143 -13.74 10.61 -19.19
N HIS A 144 -14.01 11.88 -18.87
CA HIS A 144 -15.15 12.18 -18.00
C HIS A 144 -16.03 13.34 -18.42
N LEU A 145 -15.60 14.22 -19.30
CA LEU A 145 -16.41 15.36 -19.72
CA LEU A 145 -16.44 15.36 -19.63
C LEU A 145 -17.70 14.88 -20.36
N ASP A 146 -18.83 15.39 -19.89
CA ASP A 146 -20.14 15.10 -20.47
C ASP A 146 -20.50 13.63 -20.44
N ARG A 147 -20.00 12.90 -19.45
CA ARG A 147 -20.32 11.48 -19.31
C ARG A 147 -21.11 11.28 -18.04
N ASN A 148 -22.12 10.42 -18.13
CA ASN A 148 -22.84 9.94 -16.97
C ASN A 148 -21.84 9.27 -16.04
N GLU A 149 -21.97 9.52 -14.73
CA GLU A 149 -20.94 9.05 -13.80
C GLU A 149 -20.71 7.55 -13.91
N GLU A 150 -21.79 6.77 -13.97
CA GLU A 150 -21.64 5.32 -14.06
C GLU A 150 -20.87 4.91 -15.30
N ASP A 151 -20.92 5.75 -16.34
CA ASP A 151 -20.32 5.45 -17.63
C ASP A 151 -19.06 6.27 -17.90
N ILE A 152 -18.45 6.83 -16.85
CA ILE A 152 -17.16 7.49 -17.00
CA ILE A 152 -17.16 7.49 -16.98
C ILE A 152 -16.15 6.48 -17.53
N GLY A 153 -15.24 6.95 -18.36
CA GLY A 153 -14.22 6.07 -18.86
C GLY A 153 -13.13 5.85 -17.85
N ALA A 154 -12.40 4.75 -18.00
CA ALA A 154 -11.18 4.60 -17.23
C ALA A 154 -10.28 5.80 -17.48
N GLY A 155 -9.62 6.28 -16.43
CA GLY A 155 -8.74 7.42 -16.56
C GLY A 155 -7.41 7.13 -17.23
N ASP A 156 -7.11 5.86 -17.48
CA ASP A 156 -5.92 5.44 -18.19
C ASP A 156 -6.16 4.02 -18.66
N GLN A 157 -5.30 3.56 -19.57
CA GLN A 157 -5.19 2.13 -19.79
C GLN A 157 -4.42 1.52 -18.61
N GLY A 158 -4.38 0.20 -18.54
CA GLY A 158 -3.49 -0.49 -17.64
C GLY A 158 -4.09 -1.79 -17.18
N LEU A 159 -3.29 -2.53 -16.43
CA LEU A 159 -3.67 -3.81 -15.87
C LEU A 159 -3.48 -3.74 -14.36
N MET A 160 -4.28 -4.51 -13.64
CA MET A 160 -4.29 -4.51 -12.17
C MET A 160 -4.59 -5.90 -11.71
N PHE A 161 -4.06 -6.25 -10.55
CA PHE A 161 -4.34 -7.54 -9.96
C PHE A 161 -4.84 -7.40 -8.52
N GLY A 162 -5.68 -8.36 -8.15
CA GLY A 162 -6.06 -8.57 -6.76
C GLY A 162 -5.67 -9.97 -6.34
N TYR A 163 -5.43 -10.14 -5.04
CA TYR A 163 -4.97 -11.43 -4.53
C TYR A 163 -5.54 -11.62 -3.14
N ALA A 164 -5.80 -12.89 -2.81
CA ALA A 164 -6.19 -13.24 -1.45
C ALA A 164 -5.71 -14.64 -1.17
N THR A 165 -5.38 -14.89 0.10
CA THR A 165 -4.88 -16.19 0.54
C THR A 165 -5.42 -16.49 1.92
N ASP A 166 -5.91 -17.69 2.14
CA ASP A 166 -6.51 -18.07 3.42
C ASP A 166 -5.49 -18.35 4.51
N GLU A 167 -4.22 -18.07 4.31
CA GLU A 167 -3.20 -18.38 5.31
C GLU A 167 -3.28 -17.50 6.55
N THR A 168 -3.95 -16.35 6.48
CA THR A 168 -4.25 -15.50 7.63
C THR A 168 -5.72 -15.11 7.58
N GLU A 169 -6.28 -14.72 8.74
CA GLU A 169 -7.70 -14.34 8.77
C GLU A 169 -7.98 -13.16 7.85
N GLU A 170 -7.06 -12.21 7.78
CA GLU A 170 -7.22 -11.05 6.92
C GLU A 170 -6.92 -11.33 5.46
N CYS A 171 -6.61 -12.58 5.13
CA CYS A 171 -6.52 -13.01 3.74
CA CYS A 171 -6.49 -13.06 3.74
C CYS A 171 -5.28 -12.46 3.04
N MET A 172 -4.22 -12.24 3.78
CA MET A 172 -2.96 -11.70 3.29
C MET A 172 -1.81 -12.66 3.56
N PRO A 173 -0.73 -12.56 2.79
CA PRO A 173 0.45 -13.41 3.08
C PRO A 173 1.06 -13.08 4.42
N LEU A 174 1.46 -14.13 5.16
CA LEU A 174 2.05 -13.90 6.47
C LEU A 174 3.34 -13.10 6.39
N THR A 175 4.16 -13.33 5.36
CA THR A 175 5.42 -12.60 5.23
C THR A 175 5.22 -11.09 5.30
N ILE A 176 4.29 -10.56 4.52
N ILE A 176 4.26 -10.57 4.53
CA ILE A 176 4.14 -9.11 4.54
CA ILE A 176 4.02 -9.14 4.42
C ILE A 176 3.39 -8.65 5.77
C ILE A 176 3.29 -8.61 5.66
N VAL A 177 2.41 -9.42 6.25
CA VAL A 177 1.73 -9.00 7.46
C VAL A 177 2.74 -8.78 8.59
N LEU A 178 3.62 -9.77 8.77
CA LEU A 178 4.63 -9.65 9.82
C LEU A 178 5.56 -8.46 9.55
N ALA A 179 6.00 -8.29 8.29
CA ALA A 179 6.89 -7.18 7.98
C ALA A 179 6.24 -5.84 8.32
N HIS A 180 4.96 -5.66 7.96
CA HIS A 180 4.27 -4.42 8.30
C HIS A 180 4.20 -4.24 9.81
N LYS A 181 3.84 -5.30 10.53
CA LYS A 181 3.66 -5.17 11.96
C LYS A 181 4.95 -4.82 12.66
N LEU A 182 6.08 -5.29 12.14
CA LEU A 182 7.36 -4.90 12.74
C LEU A 182 7.60 -3.40 12.60
N ASN A 183 7.30 -2.82 11.42
CA ASN A 183 7.44 -1.36 11.28
C ASN A 183 6.46 -0.63 12.17
N ALA A 184 5.23 -1.12 12.29
CA ALA A 184 4.24 -0.45 13.15
C ALA A 184 4.70 -0.48 14.60
N LYS A 185 5.32 -1.58 15.03
CA LYS A 185 5.82 -1.68 16.40
C LYS A 185 6.94 -0.68 16.64
N LEU A 186 7.84 -0.52 15.67
CA LEU A 186 8.89 0.49 15.80
C LEU A 186 8.27 1.86 16.01
N ALA A 187 7.27 2.23 15.18
CA ALA A 187 6.68 3.55 15.33
C ALA A 187 5.99 3.70 16.67
N GLU A 188 5.37 2.62 17.17
CA GLU A 188 4.69 2.66 18.46
C GLU A 188 5.69 2.94 19.58
N LEU A 189 6.82 2.24 19.56
CA LEU A 189 7.81 2.39 20.62
C LEU A 189 8.58 3.69 20.50
N ARG A 190 8.67 4.25 19.30
CA ARG A 190 9.20 5.60 19.12
C ARG A 190 8.24 6.61 19.72
N ARG A 191 6.97 6.50 19.39
CA ARG A 191 6.01 7.51 19.81
C ARG A 191 5.71 7.43 21.29
N ASN A 192 5.80 6.25 21.91
CA ASN A 192 5.51 6.17 23.35
C ASN A 192 6.75 6.40 24.20
N GLY A 193 7.90 6.69 23.60
CA GLY A 193 9.08 7.08 24.32
C GLY A 193 9.85 5.95 24.94
N THR A 194 9.44 4.70 24.69
CA THR A 194 10.22 3.66 25.35
CA THR A 194 10.12 3.52 25.22
C THR A 194 11.53 3.36 24.63
N LEU A 195 11.67 3.63 23.33
CA LEU A 195 12.93 3.54 22.61
C LEU A 195 13.17 4.91 21.99
N PRO A 196 13.59 5.90 22.79
CA PRO A 196 13.61 7.28 22.29
C PRO A 196 14.70 7.55 21.28
N TRP A 197 15.63 6.62 21.08
CA TRP A 197 16.65 6.72 20.05
C TRP A 197 16.15 6.40 18.66
N LEU A 198 14.94 5.88 18.53
CA LEU A 198 14.40 5.56 17.22
C LEU A 198 14.04 6.81 16.46
N ARG A 199 14.22 6.76 15.15
CA ARG A 199 13.75 7.78 14.23
C ARG A 199 12.75 7.16 13.27
N PRO A 200 12.09 7.96 12.42
CA PRO A 200 10.94 7.43 11.67
C PRO A 200 11.25 6.52 10.48
N ASP A 201 12.45 6.55 9.92
CA ASP A 201 12.80 5.78 8.72
C ASP A 201 13.20 4.36 9.09
N SER A 202 12.46 3.37 8.61
CA SER A 202 12.74 1.98 8.93
C SER A 202 12.39 1.09 7.75
N LYS A 203 13.01 -0.09 7.73
CA LYS A 203 12.70 -1.14 6.78
C LYS A 203 12.78 -2.48 7.50
N THR A 204 11.92 -3.39 7.08
CA THR A 204 11.91 -4.75 7.65
C THR A 204 11.75 -5.75 6.52
N GLN A 205 12.14 -6.98 6.78
CA GLN A 205 12.04 -8.03 5.78
C GLN A 205 11.90 -9.35 6.49
N VAL A 206 10.96 -10.15 6.05
CA VAL A 206 10.65 -11.43 6.68
C VAL A 206 10.64 -12.54 5.66
N THR A 207 11.41 -13.58 5.92
CA THR A 207 11.45 -14.80 5.13
C THR A 207 10.77 -15.90 5.93
N VAL A 208 9.74 -16.51 5.36
CA VAL A 208 9.01 -17.60 5.99
C VAL A 208 9.23 -18.85 5.19
N GLN A 209 9.32 -19.96 5.88
N GLN A 209 9.42 -19.96 5.89
CA GLN A 209 9.39 -21.28 5.29
CA GLN A 209 9.38 -21.29 5.31
C GLN A 209 7.98 -21.88 5.31
C GLN A 209 7.93 -21.76 5.28
N TYR A 210 7.49 -22.22 4.12
CA TYR A 210 6.14 -22.66 3.88
C TYR A 210 6.12 -24.09 3.40
N MET A 211 4.98 -24.74 3.59
CA MET A 211 4.66 -25.93 2.82
C MET A 211 3.47 -25.65 1.91
N GLN A 212 3.37 -26.46 0.87
CA GLN A 212 2.30 -26.41 -0.12
C GLN A 212 1.21 -27.40 0.30
N ASP A 213 -0.05 -27.04 0.04
CA ASP A 213 -1.19 -27.87 0.41
C ASP A 213 -2.28 -27.68 -0.66
N ARG A 214 -2.21 -28.50 -1.71
CA ARG A 214 -3.17 -28.47 -2.80
C ARG A 214 -3.37 -27.08 -3.38
N GLY A 215 -2.25 -26.39 -3.59
CA GLY A 215 -2.25 -25.06 -4.12
C GLY A 215 -2.29 -23.96 -3.09
N ALA A 216 -2.77 -24.23 -1.89
CA ALA A 216 -2.70 -23.30 -0.78
C ALA A 216 -1.31 -23.35 -0.17
N VAL A 217 -1.00 -22.37 0.67
CA VAL A 217 0.31 -22.33 1.31
C VAL A 217 0.11 -22.27 2.81
N LEU A 218 0.99 -22.95 3.55
CA LEU A 218 0.90 -23.09 4.99
C LEU A 218 2.21 -22.61 5.60
N PRO A 219 2.22 -21.53 6.38
CA PRO A 219 3.46 -21.09 7.02
CA PRO A 219 3.48 -21.11 6.99
C PRO A 219 3.91 -22.07 8.09
N ILE A 220 5.22 -22.36 8.13
CA ILE A 220 5.81 -23.25 9.12
CA ILE A 220 5.77 -23.24 9.13
C ILE A 220 6.60 -22.48 10.17
N ARG A 221 7.53 -21.64 9.72
CA ARG A 221 8.44 -20.97 10.64
CA ARG A 221 8.41 -20.95 10.65
C ARG A 221 9.02 -19.76 9.94
N VAL A 222 9.52 -18.84 10.73
CA VAL A 222 10.28 -17.70 10.25
C VAL A 222 11.74 -18.10 10.12
N HIS A 223 12.27 -17.98 8.91
CA HIS A 223 13.63 -18.35 8.57
C HIS A 223 14.60 -17.22 8.82
N THR A 224 14.25 -15.99 8.42
CA THR A 224 15.15 -14.84 8.56
C THR A 224 14.32 -13.59 8.77
N ILE A 225 14.81 -12.70 9.63
CA ILE A 225 14.23 -11.36 9.81
C ILE A 225 15.34 -10.33 9.65
N VAL A 226 15.07 -9.29 8.89
CA VAL A 226 15.92 -8.10 8.81
C VAL A 226 15.16 -6.92 9.37
N ILE A 227 15.83 -6.11 10.19
CA ILE A 227 15.31 -4.81 10.60
C ILE A 227 16.44 -3.81 10.50
N SER A 228 16.20 -2.71 9.79
CA SER A 228 17.08 -1.54 9.79
C SER A 228 16.25 -0.33 10.17
N VAL A 229 16.73 0.46 11.11
CA VAL A 229 15.98 1.64 11.51
C VAL A 229 16.93 2.77 11.87
N GLN A 230 16.56 3.97 11.45
CA GLN A 230 17.35 5.16 11.73
C GLN A 230 17.35 5.43 13.23
N HIS A 231 18.48 5.92 13.72
CA HIS A 231 18.67 6.05 15.16
C HIS A 231 19.51 7.26 15.49
N ASP A 232 19.49 7.64 16.76
CA ASP A 232 20.27 8.79 17.20
C ASP A 232 21.74 8.45 17.33
N GLU A 233 22.54 9.50 17.48
CA GLU A 233 23.99 9.40 17.53
C GLU A 233 24.50 8.72 18.78
N GLU A 234 23.69 8.66 19.83
CA GLU A 234 24.19 8.25 21.14
C GLU A 234 24.04 6.76 21.44
N VAL A 235 23.06 6.07 20.84
CA VAL A 235 22.79 4.68 21.21
C VAL A 235 23.78 3.77 20.53
N CYS A 236 24.21 2.72 21.23
CA CYS A 236 25.19 1.84 20.63
C CYS A 236 24.50 0.63 19.97
N LEU A 237 25.27 -0.03 19.13
CA LEU A 237 24.73 -1.08 18.30
C LEU A 237 24.20 -2.25 19.12
N ASP A 238 24.92 -2.68 20.16
CA ASP A 238 24.42 -3.80 20.95
C ASP A 238 23.12 -3.48 21.67
N GLU A 239 22.98 -2.26 22.15
CA GLU A 239 21.71 -1.86 22.77
C GLU A 239 20.59 -1.95 21.73
N MET A 240 20.84 -1.47 20.53
CA MET A 240 19.78 -1.48 19.51
C MET A 240 19.44 -2.92 19.13
N ARG A 241 20.45 -3.78 18.93
CA ARG A 241 20.16 -5.13 18.49
C ARG A 241 19.39 -5.90 19.56
N ASP A 242 19.75 -5.71 20.82
CA ASP A 242 19.02 -6.35 21.90
C ASP A 242 17.56 -5.86 21.94
N ALA A 243 17.35 -4.56 21.82
CA ALA A 243 15.99 -4.03 21.85
C ALA A 243 15.17 -4.51 20.66
N LEU A 244 15.77 -4.55 19.48
CA LEU A 244 15.03 -4.96 18.31
C LEU A 244 14.58 -6.42 18.44
N LYS A 245 15.41 -7.27 19.03
CA LYS A 245 14.99 -8.65 19.22
C LYS A 245 13.93 -8.76 20.31
N GLU A 246 14.18 -8.16 21.46
CA GLU A 246 13.34 -8.42 22.62
C GLU A 246 12.06 -7.60 22.61
N LYS A 247 12.12 -6.34 22.17
CA LYS A 247 10.98 -5.43 22.30
C LYS A 247 10.22 -5.28 21.01
N VAL A 248 10.80 -5.66 19.89
CA VAL A 248 10.15 -5.51 18.60
C VAL A 248 9.77 -6.89 18.08
N ILE A 249 10.77 -7.72 17.75
CA ILE A 249 10.47 -9.02 17.14
C ILE A 249 9.62 -9.87 18.08
N LYS A 250 10.03 -10.04 19.34
CA LYS A 250 9.28 -10.92 20.21
C LYS A 250 7.91 -10.37 20.54
N ALA A 251 7.70 -9.06 20.44
CA ALA A 251 6.38 -8.48 20.66
C ALA A 251 5.44 -8.72 19.49
N VAL A 252 5.97 -8.98 18.30
CA VAL A 252 5.20 -9.06 17.07
C VAL A 252 5.04 -10.49 16.55
N VAL A 253 6.12 -11.26 16.54
CA VAL A 253 6.16 -12.55 15.86
C VAL A 253 5.86 -13.64 16.89
N PRO A 254 4.84 -14.47 16.70
CA PRO A 254 4.58 -15.55 17.64
C PRO A 254 5.79 -16.46 17.82
N ALA A 255 6.05 -16.80 19.08
CA ALA A 255 7.22 -17.61 19.41
C ALA A 255 7.23 -18.93 18.67
N LYS A 256 6.05 -19.47 18.33
CA LYS A 256 5.99 -20.75 17.64
C LYS A 256 6.68 -20.70 16.29
N TYR A 257 6.85 -19.52 15.71
CA TYR A 257 7.52 -19.39 14.42
C TYR A 257 9.01 -19.16 14.54
N LEU A 258 9.54 -18.92 15.73
CA LEU A 258 10.93 -18.57 15.93
C LEU A 258 11.63 -19.72 16.62
N ASP A 259 12.82 -20.07 16.16
CA ASP A 259 13.53 -21.19 16.77
C ASP A 259 15.02 -20.91 16.73
N GLU A 260 15.80 -21.90 17.15
CA GLU A 260 17.24 -21.73 17.28
C GLU A 260 17.90 -21.47 15.94
N ASP A 261 17.26 -21.84 14.84
CA ASP A 261 17.83 -21.66 13.52
C ASP A 261 17.45 -20.35 12.85
N THR A 262 16.47 -19.62 13.40
CA THR A 262 16.06 -18.37 12.78
C THR A 262 17.26 -17.42 12.73
N ILE A 263 17.43 -16.77 11.59
CA ILE A 263 18.54 -15.85 11.35
C ILE A 263 18.04 -14.43 11.54
N TYR A 264 18.77 -13.64 12.30
CA TYR A 264 18.42 -12.25 12.57
C TYR A 264 19.50 -11.33 12.02
N HIS A 265 19.11 -10.39 11.19
CA HIS A 265 19.97 -9.34 10.66
C HIS A 265 19.39 -8.03 11.19
N LEU A 266 19.89 -7.58 12.33
CA LEU A 266 19.36 -6.41 13.05
C LEU A 266 20.40 -5.31 12.96
N GLN A 267 20.00 -4.17 12.43
CA GLN A 267 20.94 -3.11 12.09
C GLN A 267 22.15 -3.67 11.33
N PRO A 268 21.92 -4.42 10.24
CA PRO A 268 23.05 -5.07 9.55
C PRO A 268 24.04 -4.12 8.94
N SER A 269 23.66 -2.89 8.65
CA SER A 269 24.63 -1.93 8.13
C SER A 269 25.58 -1.43 9.20
N GLY A 270 25.25 -1.60 10.47
CA GLY A 270 26.09 -1.15 11.55
C GLY A 270 25.88 0.28 12.02
N ARG A 271 25.36 1.15 11.16
CA ARG A 271 25.18 2.56 11.52
C ARG A 271 24.17 3.16 10.57
N PHE A 272 23.15 3.82 11.11
CA PHE A 272 22.04 4.40 10.35
C PHE A 272 21.57 5.65 11.08
N VAL A 273 22.45 6.63 11.17
CA VAL A 273 22.12 7.91 11.79
C VAL A 273 21.50 8.85 10.77
N ILE A 274 22.14 8.99 9.59
CA ILE A 274 21.55 9.71 8.47
C ILE A 274 20.42 8.88 7.90
N GLY A 275 19.25 9.49 7.77
CA GLY A 275 18.11 8.77 7.27
C GLY A 275 17.05 9.73 6.75
N GLY A 276 15.88 9.19 6.46
CA GLY A 276 14.86 9.98 5.80
C GLY A 276 15.35 10.45 4.45
N PRO A 277 14.72 11.51 3.92
CA PRO A 277 15.11 12.01 2.58
C PRO A 277 16.57 12.42 2.48
N GLN A 278 17.19 12.79 3.59
CA GLN A 278 18.61 13.10 3.56
C GLN A 278 19.45 11.89 3.18
N GLY A 279 19.08 10.70 3.63
CA GLY A 279 19.84 9.52 3.26
C GLY A 279 19.53 8.96 1.89
N ASP A 280 18.35 9.23 1.36
CA ASP A 280 17.88 8.54 0.16
C ASP A 280 16.68 9.31 -0.38
N ALA A 281 16.70 9.69 -1.65
CA ALA A 281 15.55 10.37 -2.23
C ALA A 281 14.32 9.47 -2.22
N GLY A 282 13.17 10.08 -1.98
CA GLY A 282 11.89 9.42 -2.03
C GLY A 282 11.04 9.94 -3.17
N LEU A 283 10.19 9.06 -3.69
CA LEU A 283 9.23 9.41 -4.73
CA LEU A 283 9.23 9.41 -4.74
C LEU A 283 7.93 8.67 -4.46
N THR A 284 6.80 9.27 -4.86
CA THR A 284 5.53 8.56 -4.79
C THR A 284 5.56 7.34 -5.71
N GLY A 285 4.93 6.27 -5.26
CA GLY A 285 4.72 5.12 -6.13
C GLY A 285 5.93 4.26 -6.35
N ARG A 286 6.87 4.26 -5.41
CA ARG A 286 8.07 3.45 -5.45
C ARG A 286 8.04 2.35 -4.39
N LYS A 287 6.89 2.07 -3.81
CA LYS A 287 6.68 1.01 -2.84
C LYS A 287 5.45 0.18 -3.20
N ILE A 288 5.27 -0.11 -4.49
CA ILE A 288 4.00 -0.68 -4.92
C ILE A 288 3.81 -2.12 -4.48
N ILE A 289 4.90 -2.82 -4.21
CA ILE A 289 4.83 -4.20 -3.74
C ILE A 289 4.61 -4.23 -2.23
N VAL A 290 5.27 -3.33 -1.49
CA VAL A 290 4.96 -3.11 -0.08
C VAL A 290 3.49 -2.72 0.10
N ASP A 291 2.94 -1.95 -0.86
CA ASP A 291 1.57 -1.48 -0.72
C ASP A 291 0.56 -2.58 -0.96
N THR A 292 0.97 -3.71 -1.55
CA THR A 292 0.07 -4.73 -2.03
C THR A 292 0.39 -6.06 -1.35
N TYR A 293 1.04 -7.00 -2.03
CA TYR A 293 1.11 -8.39 -1.57
C TYR A 293 2.52 -8.90 -1.31
N GLY A 294 3.53 -8.02 -1.28
CA GLY A 294 4.84 -8.47 -0.82
C GLY A 294 5.53 -9.46 -1.73
N GLY A 295 5.21 -9.46 -3.02
CA GLY A 295 5.80 -10.35 -3.97
C GLY A 295 4.90 -11.50 -4.34
N TRP A 296 3.92 -11.82 -3.50
CA TRP A 296 2.92 -12.81 -3.82
C TRP A 296 1.94 -12.25 -4.86
N GLY A 297 1.14 -13.11 -5.45
N GLY A 297 1.25 -13.16 -5.52
CA GLY A 297 0.16 -12.62 -6.41
CA GLY A 297 0.33 -12.73 -6.57
C GLY A 297 0.80 -12.13 -7.70
C GLY A 297 1.09 -11.99 -7.63
N ALA A 298 0.56 -10.85 -8.04
CA ALA A 298 1.16 -10.15 -9.18
C ALA A 298 0.83 -8.67 -9.03
N HIS A 299 1.45 -7.86 -9.87
CA HIS A 299 1.20 -6.43 -9.89
C HIS A 299 1.20 -5.93 -11.33
N GLY A 300 0.28 -5.00 -11.60
CA GLY A 300 0.19 -4.42 -12.92
C GLY A 300 1.06 -3.22 -13.16
N GLY A 301 1.71 -2.70 -12.12
CA GLY A 301 2.68 -1.63 -12.24
C GLY A 301 2.23 -0.28 -11.74
N GLY A 302 0.93 -0.07 -11.56
N GLY A 302 0.93 -0.04 -11.57
CA GLY A 302 0.41 1.23 -11.22
CA GLY A 302 0.42 1.28 -11.27
C GLY A 302 0.60 1.54 -9.73
C GLY A 302 0.42 1.60 -9.79
N ALA A 303 0.92 2.78 -9.45
CA ALA A 303 0.94 3.25 -8.09
C ALA A 303 -0.45 3.67 -7.65
N PHE A 304 -0.67 3.67 -6.33
CA PHE A 304 -1.95 4.06 -5.77
C PHE A 304 -2.03 5.51 -5.32
N SER A 305 -1.03 6.01 -4.61
CA SER A 305 -1.19 7.25 -3.86
C SER A 305 -1.25 8.47 -4.76
N GLY A 306 -2.02 9.46 -4.33
CA GLY A 306 -2.16 10.70 -5.06
C GLY A 306 -3.17 10.70 -6.17
N LYS A 307 -4.01 9.67 -6.28
CA LYS A 307 -4.90 9.47 -7.42
C LYS A 307 -6.34 9.32 -6.96
N ASP A 308 -7.24 10.06 -7.62
CA ASP A 308 -8.68 9.91 -7.41
C ASP A 308 -9.21 8.66 -8.12
N TYR A 309 -10.50 8.38 -7.88
CA TYR A 309 -11.07 7.09 -8.28
C TYR A 309 -11.08 6.85 -9.78
N THR A 310 -11.02 7.90 -10.60
CA THR A 310 -11.04 7.65 -12.04
C THR A 310 -9.75 7.02 -12.50
N LYS A 311 -8.69 7.09 -11.71
CA LYS A 311 -7.43 6.42 -12.02
C LYS A 311 -7.57 4.96 -11.59
N VAL A 312 -7.86 4.11 -12.55
CA VAL A 312 -8.12 2.71 -12.27
C VAL A 312 -6.95 1.97 -11.68
N ASP A 313 -5.72 2.49 -11.79
CA ASP A 313 -4.60 1.88 -11.08
C ASP A 313 -4.95 1.62 -9.63
N ARG A 314 -5.67 2.55 -9.01
CA ARG A 314 -6.06 2.42 -7.62
C ARG A 314 -7.43 1.77 -7.50
N SER A 315 -8.46 2.37 -8.09
CA SER A 315 -9.82 1.88 -7.86
C SER A 315 -9.99 0.44 -8.34
N ALA A 316 -9.42 0.08 -9.48
CA ALA A 316 -9.61 -1.29 -9.98
C ALA A 316 -8.76 -2.28 -9.22
N ALA A 317 -7.59 -1.87 -8.70
CA ALA A 317 -6.83 -2.77 -7.84
C ALA A 317 -7.56 -2.99 -6.52
N TYR A 318 -8.21 -1.95 -5.99
CA TYR A 318 -9.01 -2.14 -4.78
C TYR A 318 -10.18 -3.06 -5.08
N ALA A 319 -10.84 -2.86 -6.21
CA ALA A 319 -11.95 -3.74 -6.57
C ALA A 319 -11.48 -5.17 -6.80
N ALA A 320 -10.31 -5.35 -7.41
CA ALA A 320 -9.80 -6.70 -7.62
C ALA A 320 -9.46 -7.39 -6.31
N ARG A 321 -8.90 -6.66 -5.35
CA ARG A 321 -8.73 -7.20 -4.00
C ARG A 321 -10.06 -7.62 -3.43
N TRP A 322 -11.08 -6.77 -3.57
CA TRP A 322 -12.42 -7.05 -3.04
C TRP A 322 -12.97 -8.33 -3.66
N VAL A 323 -12.81 -8.51 -4.97
CA VAL A 323 -13.23 -9.74 -5.62
C VAL A 323 -12.49 -10.93 -5.05
N ALA A 324 -11.16 -10.84 -4.99
CA ALA A 324 -10.35 -11.97 -4.52
C ALA A 324 -10.72 -12.36 -3.10
N LYS A 325 -10.83 -11.38 -2.22
CA LYS A 325 -11.18 -11.66 -0.84
C LYS A 325 -12.60 -12.22 -0.73
N SER A 326 -13.51 -11.74 -1.58
CA SER A 326 -14.87 -12.28 -1.58
C SER A 326 -14.89 -13.74 -1.99
N LEU A 327 -14.04 -14.13 -2.95
CA LEU A 327 -13.98 -15.52 -3.38
C LEU A 327 -13.42 -16.40 -2.28
N VAL A 328 -12.39 -15.94 -1.57
CA VAL A 328 -11.80 -16.76 -0.52
C VAL A 328 -12.72 -16.82 0.69
N LYS A 329 -13.22 -15.68 1.15
CA LYS A 329 -14.11 -15.68 2.31
C LYS A 329 -15.45 -16.35 2.02
N GLY A 330 -15.86 -16.38 0.77
CA GLY A 330 -17.06 -17.07 0.36
C GLY A 330 -16.90 -18.55 0.24
N GLY A 331 -15.69 -19.07 0.45
CA GLY A 331 -15.46 -20.49 0.42
C GLY A 331 -15.26 -21.08 -0.95
N LEU A 332 -15.13 -20.27 -1.99
CA LEU A 332 -14.99 -20.79 -3.34
C LEU A 332 -13.56 -21.20 -3.65
N CYS A 333 -12.59 -20.69 -2.92
N CYS A 333 -12.59 -20.52 -3.05
CA CYS A 333 -11.22 -21.08 -3.15
CA CYS A 333 -11.17 -20.78 -3.24
C CYS A 333 -10.39 -20.61 -1.96
C CYS A 333 -10.45 -20.68 -1.90
N ARG A 334 -9.21 -21.19 -1.83
CA ARG A 334 -8.33 -20.88 -0.72
C ARG A 334 -7.31 -19.80 -1.06
N ARG A 335 -7.05 -19.60 -2.34
CA ARG A 335 -6.05 -18.66 -2.80
CA ARG A 335 -6.03 -18.69 -2.82
C ARG A 335 -6.42 -18.29 -4.23
N VAL A 336 -6.34 -17.01 -4.56
CA VAL A 336 -6.79 -16.60 -5.88
C VAL A 336 -6.12 -15.31 -6.30
N LEU A 337 -5.87 -15.22 -7.60
CA LEU A 337 -5.32 -14.04 -8.27
C LEU A 337 -6.33 -13.61 -9.33
N VAL A 338 -6.65 -12.33 -9.34
CA VAL A 338 -7.59 -11.73 -10.28
C VAL A 338 -6.85 -10.68 -11.10
N GLN A 339 -6.94 -10.75 -12.42
CA GLN A 339 -6.45 -9.69 -13.29
C GLN A 339 -7.62 -8.97 -13.94
N VAL A 340 -7.49 -7.65 -14.07
CA VAL A 340 -8.41 -6.84 -14.85
CA VAL A 340 -8.42 -6.83 -14.84
C VAL A 340 -7.57 -5.85 -15.66
N SER A 341 -8.13 -5.35 -16.75
CA SER A 341 -7.42 -4.33 -17.53
C SER A 341 -8.42 -3.38 -18.17
N TYR A 342 -7.94 -2.22 -18.57
CA TYR A 342 -8.76 -1.12 -19.07
C TYR A 342 -8.08 -0.44 -20.24
N ALA A 343 -8.86 0.31 -21.01
CA ALA A 343 -8.36 1.28 -21.96
C ALA A 343 -8.85 2.67 -21.55
N ILE A 344 -8.00 3.69 -21.72
CA ILE A 344 -8.43 5.06 -21.42
C ILE A 344 -9.70 5.39 -22.17
N GLY A 345 -10.66 5.98 -21.46
CA GLY A 345 -11.89 6.42 -22.05
C GLY A 345 -12.96 5.36 -22.17
N VAL A 346 -12.67 4.12 -21.84
CA VAL A 346 -13.61 3.00 -21.97
C VAL A 346 -13.99 2.56 -20.55
N SER A 347 -15.30 2.41 -20.30
CA SER A 347 -15.78 2.12 -18.95
CA SER A 347 -15.74 2.13 -18.93
C SER A 347 -15.55 0.67 -18.55
N HIS A 348 -16.01 -0.27 -19.36
CA HIS A 348 -15.92 -1.68 -18.96
C HIS A 348 -14.48 -2.19 -19.12
N PRO A 349 -14.05 -3.08 -18.24
CA PRO A 349 -12.72 -3.67 -18.41
C PRO A 349 -12.61 -4.40 -19.74
N LEU A 350 -11.40 -4.41 -20.26
CA LEU A 350 -11.11 -5.11 -21.50
CA LEU A 350 -11.10 -5.10 -21.51
C LEU A 350 -10.94 -6.60 -21.30
N SER A 351 -10.50 -7.00 -20.12
CA SER A 351 -10.23 -8.39 -19.79
C SER A 351 -10.42 -8.56 -18.29
N ILE A 352 -10.86 -9.76 -17.92
CA ILE A 352 -10.93 -10.20 -16.53
C ILE A 352 -10.44 -11.65 -16.52
N SER A 353 -9.59 -12.01 -15.56
CA SER A 353 -9.06 -13.35 -15.48
C SER A 353 -8.98 -13.78 -14.03
N ILE A 354 -9.22 -15.07 -13.78
CA ILE A 354 -9.20 -15.63 -12.44
C ILE A 354 -8.26 -16.83 -12.45
N PHE A 355 -7.34 -16.87 -11.49
CA PHE A 355 -6.39 -17.97 -11.33
C PHE A 355 -6.49 -18.46 -9.90
N HIS A 356 -6.92 -19.70 -9.70
CA HIS A 356 -7.21 -20.18 -8.35
C HIS A 356 -6.17 -21.15 -7.80
N TYR A 357 -5.04 -21.35 -8.48
CA TYR A 357 -3.92 -22.13 -7.99
C TYR A 357 -4.29 -23.59 -7.73
N GLY A 358 -5.42 -24.05 -8.26
CA GLY A 358 -5.91 -25.37 -7.96
C GLY A 358 -6.67 -25.50 -6.67
N THR A 359 -7.07 -24.40 -6.04
CA THR A 359 -7.65 -24.42 -4.71
C THR A 359 -9.17 -24.33 -4.71
N SER A 360 -9.81 -24.58 -5.84
CA SER A 360 -11.27 -24.62 -5.93
C SER A 360 -11.70 -25.91 -6.61
N GLN A 361 -12.87 -26.42 -6.24
CA GLN A 361 -13.49 -27.46 -7.03
C GLN A 361 -14.08 -26.93 -8.32
N LYS A 362 -14.42 -25.65 -8.37
CA LYS A 362 -14.93 -25.04 -9.59
C LYS A 362 -13.77 -24.70 -10.50
N SER A 363 -14.05 -24.74 -11.81
CA SER A 363 -13.05 -24.32 -12.76
C SER A 363 -12.88 -22.80 -12.70
N GLU A 364 -11.75 -22.33 -13.24
CA GLU A 364 -11.50 -20.89 -13.33
C GLU A 364 -12.55 -20.22 -14.20
N ARG A 365 -13.01 -20.89 -15.26
CA ARG A 365 -14.11 -20.35 -16.06
C ARG A 365 -15.37 -20.17 -15.23
N GLU A 366 -15.71 -21.14 -14.39
CA GLU A 366 -16.90 -21.00 -13.54
C GLU A 366 -16.73 -19.84 -12.57
N LEU A 367 -15.55 -19.70 -11.97
CA LEU A 367 -15.34 -18.59 -11.07
C LEU A 367 -15.45 -17.26 -11.79
N LEU A 368 -14.91 -17.20 -13.02
CA LEU A 368 -15.01 -15.98 -13.80
C LEU A 368 -16.47 -15.63 -14.04
N GLU A 369 -17.31 -16.62 -14.34
CA GLU A 369 -18.73 -16.35 -14.53
C GLU A 369 -19.39 -15.83 -13.26
N ILE A 370 -19.03 -16.40 -12.10
CA ILE A 370 -19.55 -15.89 -10.83
C ILE A 370 -19.13 -14.45 -10.62
N VAL A 371 -17.86 -14.15 -10.90
CA VAL A 371 -17.39 -12.77 -10.75
C VAL A 371 -18.17 -11.83 -11.65
N LYS A 372 -18.38 -12.23 -12.91
CA LYS A 372 -19.06 -11.35 -13.87
C LYS A 372 -20.51 -11.13 -13.46
N LYS A 373 -21.14 -12.11 -12.83
CA LYS A 373 -22.52 -11.97 -12.38
C LYS A 373 -22.66 -11.14 -11.12
N ASN A 374 -21.62 -11.03 -10.31
CA ASN A 374 -21.71 -10.39 -9.01
C ASN A 374 -21.01 -9.03 -8.90
N PHE A 375 -20.16 -8.68 -9.85
CA PHE A 375 -19.39 -7.46 -9.76
C PHE A 375 -19.52 -6.68 -11.06
N ASP A 376 -19.56 -5.36 -10.95
CA ASP A 376 -19.55 -4.44 -12.08
C ASP A 376 -18.29 -3.58 -11.89
N LEU A 377 -17.28 -3.84 -12.71
CA LEU A 377 -15.96 -3.25 -12.53
C LEU A 377 -15.75 -2.00 -13.38
N ARG A 378 -16.82 -1.33 -13.77
CA ARG A 378 -16.68 0.00 -14.31
C ARG A 378 -16.24 0.96 -13.21
N PRO A 379 -15.34 1.90 -13.48
CA PRO A 379 -14.91 2.80 -12.40
C PRO A 379 -16.04 3.60 -11.80
N GLY A 380 -17.03 3.98 -12.60
CA GLY A 380 -18.13 4.74 -12.08
C GLY A 380 -19.14 3.94 -11.29
N VAL A 381 -18.96 2.62 -11.23
CA VAL A 381 -19.70 1.79 -10.30
C VAL A 381 -18.85 1.44 -9.09
N ILE A 382 -17.58 1.09 -9.31
CA ILE A 382 -16.66 0.84 -8.20
C ILE A 382 -16.68 2.00 -7.21
N VAL A 383 -16.74 3.23 -7.72
CA VAL A 383 -16.70 4.40 -6.82
C VAL A 383 -17.85 4.35 -5.84
N ARG A 384 -19.02 3.90 -6.28
CA ARG A 384 -20.18 3.80 -5.41
C ARG A 384 -20.02 2.63 -4.45
N ASP A 385 -19.62 1.47 -4.96
CA ASP A 385 -19.52 0.29 -4.10
C ASP A 385 -18.47 0.46 -3.02
N LEU A 386 -17.36 1.10 -3.32
CA LEU A 386 -16.23 1.21 -2.40
C LEU A 386 -16.11 2.61 -1.78
N ASP A 387 -17.06 3.50 -2.06
CA ASP A 387 -17.12 4.82 -1.42
C ASP A 387 -15.85 5.63 -1.65
N LEU A 388 -15.39 5.67 -2.91
CA LEU A 388 -14.04 6.14 -3.19
C LEU A 388 -13.92 7.66 -3.34
N LYS A 389 -14.98 8.41 -3.13
CA LYS A 389 -14.84 9.86 -2.95
C LYS A 389 -14.59 10.23 -1.50
N LYS A 390 -14.60 9.30 -0.58
CA LYS A 390 -14.40 9.62 0.84
C LYS A 390 -12.91 9.89 1.09
N PRO A 391 -12.59 10.94 1.84
CA PRO A 391 -11.17 11.31 2.06
C PRO A 391 -10.49 10.48 3.15
N ILE A 392 -10.31 9.19 2.88
CA ILE A 392 -9.67 8.25 3.82
C ILE A 392 -8.32 7.77 3.29
N TYR A 393 -7.81 8.38 2.23
CA TYR A 393 -6.69 7.80 1.53
C TYR A 393 -5.38 7.90 2.30
N GLN A 394 -5.16 8.95 3.07
CA GLN A 394 -3.91 9.01 3.80
C GLN A 394 -3.77 7.80 4.73
N ARG A 395 -4.89 7.28 5.23
CA ARG A 395 -4.85 6.11 6.09
C ARG A 395 -4.37 4.86 5.37
N THR A 396 -4.48 4.82 4.04
CA THR A 396 -4.04 3.67 3.28
C THR A 396 -2.55 3.69 2.95
N ALA A 397 -1.87 4.82 3.11
CA ALA A 397 -0.57 5.06 2.49
C ALA A 397 0.64 4.59 3.27
N ALA A 398 0.43 3.95 4.43
CA ALA A 398 1.48 3.24 5.15
C ALA A 398 0.90 1.94 5.67
N TYR A 399 1.75 0.91 5.75
CA TYR A 399 1.44 -0.41 6.29
C TYR A 399 0.55 -1.23 5.39
N GLY A 400 0.49 -0.90 4.11
CA GLY A 400 -0.22 -1.66 3.11
C GLY A 400 -1.66 -1.20 2.94
N HIS A 401 -2.18 -1.33 1.74
CA HIS A 401 -3.54 -0.91 1.45
C HIS A 401 -4.58 -1.97 1.77
N PHE A 402 -4.13 -3.20 1.98
CA PHE A 402 -4.98 -4.37 2.09
C PHE A 402 -4.75 -5.07 3.42
N GLY A 403 -5.75 -5.81 3.86
CA GLY A 403 -5.64 -6.63 5.04
C GLY A 403 -5.84 -5.91 6.34
N ARG A 404 -6.31 -4.67 6.31
CA ARG A 404 -6.39 -3.82 7.49
C ARG A 404 -7.69 -3.04 7.52
N ASP A 405 -8.21 -2.82 8.73
CA ASP A 405 -9.13 -1.72 9.09
C ASP A 405 -10.52 -1.79 8.47
N SER A 406 -10.88 -2.89 7.87
CA SER A 406 -12.22 -3.08 7.32
C SER A 406 -12.64 -1.92 6.39
N PHE A 407 -11.70 -1.45 5.57
CA PHE A 407 -12.03 -0.57 4.42
C PHE A 407 -13.05 -1.29 3.54
N PRO A 408 -13.76 -0.58 2.66
CA PRO A 408 -14.84 -1.27 1.92
C PRO A 408 -14.36 -2.43 1.09
N TRP A 409 -13.15 -2.37 0.53
CA TRP A 409 -12.61 -3.45 -0.29
C TRP A 409 -12.20 -4.65 0.53
N GLU A 410 -12.21 -4.54 1.85
CA GLU A 410 -11.88 -5.62 2.76
C GLU A 410 -13.12 -6.28 3.35
N VAL A 411 -14.32 -5.79 3.04
CA VAL A 411 -15.56 -6.37 3.51
C VAL A 411 -16.10 -7.24 2.39
N PRO A 412 -16.07 -8.57 2.51
N PRO A 412 -16.09 -8.56 2.52
CA PRO A 412 -16.44 -9.37 1.35
CA PRO A 412 -16.45 -9.42 1.39
C PRO A 412 -17.86 -9.08 0.90
C PRO A 412 -17.89 -9.22 0.93
N LYS A 413 -18.09 -9.29 -0.39
CA LYS A 413 -19.43 -9.29 -0.95
C LYS A 413 -19.98 -10.71 -0.89
N LYS A 414 -21.24 -10.83 -0.47
CA LYS A 414 -21.96 -12.10 -0.48
C LYS A 414 -22.28 -12.46 -1.92
N LEU A 415 -21.81 -13.60 -2.38
CA LEU A 415 -21.90 -13.96 -3.78
C LEU A 415 -23.13 -14.83 -4.04
N LYS A 416 -23.79 -14.56 -5.15
CA LYS A 416 -24.93 -15.33 -5.61
C LYS A 416 -24.48 -16.21 -6.78
N TYR A 417 -24.70 -17.52 -6.66
CA TYR A 417 -24.32 -18.49 -7.69
C TYR A 417 -25.07 -19.81 -7.44
N ALA B . 20.10 5.54 -2.40
CA ALA B . 20.96 4.65 -1.61
C ALA B . 22.42 4.91 -1.90
O ALA B . 23.27 4.00 -1.82
CB ALA B . 20.63 3.18 -1.92
OXT ALA B . 22.82 6.04 -2.21
HA ALA B . 20.80 4.82 -0.67
HB1 ALA B . 21.11 2.62 -1.29
HB2 ALA B . 19.68 3.05 -1.83
HB3 ALA B . 20.92 2.99 -2.82
CS MTA C . 20.13 1.90 1.44
S5' MTA C . 19.11 3.33 0.86
C5' MTA C . 17.42 2.73 0.83
C4' MTA C . 16.80 2.75 2.21
O4' MTA C . 17.56 2.08 3.12
C2' MTA C . 16.44 3.96 4.14
O2' MTA C . 15.14 3.37 4.52
C3' MTA C . 16.56 4.22 2.83
O3' MTA C . 15.40 4.82 2.26
C1' MTA C . 17.53 2.84 4.44
N9 MTA C . 18.75 3.29 4.79
C8 MTA C . 19.29 4.50 4.63
N7 MTA C . 20.51 4.58 5.21
C5 MTA C . 20.71 3.38 5.77
C6 MTA C . 21.75 2.86 6.53
N6 MTA C . 22.91 3.60 6.86
N1 MTA C . 21.65 1.58 6.96
C2 MTA C . 20.55 0.82 6.67
N3 MTA C . 19.56 1.24 5.98
C4 MTA C . 19.61 2.57 5.52
HCS1 MTA C . 19.57 1.29 1.94
HCS2 MTA C . 20.51 1.44 0.68
HCS3 MTA C . 20.84 2.21 2.01
H5'1 MTA C . 16.89 3.30 0.25
H5'2 MTA C . 17.41 1.83 0.50
H4' MTA C . 15.92 2.33 2.11
H2' MTA C . 16.60 4.79 4.60
HO2' MTA C . 14.94 3.56 5.32
H3' MTA C . 17.30 4.83 2.68
H3T MTA C . 15.49 5.66 2.30
H1' MTA C . 17.24 2.29 5.18
H8 MTA C . 18.88 5.21 4.17
H61 MTA C . 23.70 3.25 6.79
H62 MTA C . 22.83 4.39 7.18
H2 MTA C . 20.53 -0.04 7.00
C5 P3G D . -1.02 -17.24 -14.51
C6 P3G D . -1.02 -16.82 -13.05
O3 P3G D . -0.12 -17.62 -12.33
C7 P3G D . -0.66 -18.37 -11.27
C8 P3G D . 0.12 -19.67 -11.07
O4 P3G D . 1.13 -19.50 -10.11
C9 P3G D . 1.93 -20.64 -9.87
C10 P3G D . 2.67 -20.51 -8.53
O5 P3G D . 3.77 -19.65 -8.64
C11 P3G D . 3.95 -18.77 -7.57
C12 P3G D . 4.60 -19.48 -6.38
O6 P3G D . 3.64 -19.73 -5.39
C13 P3G D . 4.15 -20.31 -4.23
C14 P3G D . 3.84 -21.80 -4.21
O7 P3G D . 2.77 -22.09 -5.07
C15 P3G D . 1.97 -23.15 -4.66
C16 P3G D . 0.99 -23.50 -5.79
H51 P3G D . -0.14 -17.14 -14.89
H5 P3G D . -1.65 -16.69 -15.01
H52 P3G D . -1.31 -18.17 -14.59
H61 P3G D . -1.90 -16.91 -12.67
H62 P3G D . -0.73 -15.90 -12.99
H71 P3G D . -1.58 -18.57 -11.46
H72 P3G D . -0.62 -17.84 -10.45
H81 P3G D . 0.53 -19.93 -11.92
H82 P3G D . -0.48 -20.37 -10.78
H91 P3G D . 2.59 -20.72 -10.58
H92 P3G D . 1.37 -21.42 -9.85
H101 P3G D . 2.97 -21.39 -8.26
H102 P3G D . 2.05 -20.16 -7.86
H111 P3G D . 3.09 -18.41 -7.30
H112 P3G D . 4.53 -18.04 -7.85
H121 P3G D . 5.30 -18.92 -6.01
H122 P3G D . 4.98 -20.32 -6.67
H131 P3G D . 3.75 -19.89 -3.45
H132 P3G D . 5.12 -20.19 -4.20
H141 P3G D . 3.61 -22.07 -3.31
H142 P3G D . 4.63 -22.30 -4.50
H151 P3G D . 1.46 -22.89 -3.88
H152 P3G D . 2.51 -23.92 -4.45
H16 P3G D . 0.40 -22.76 -5.94
H162 P3G D . 0.48 -24.28 -5.53
H161 P3G D . 1.50 -23.68 -6.60
C1 EDO E . -12.80 18.01 -13.55
O1 EDO E . -12.94 18.84 -14.70
C2 EDO E . -14.08 18.02 -12.74
O2 EDO E . -14.27 16.75 -12.11
H11 EDO E . -11.97 18.36 -12.94
H12 EDO E . -12.57 16.99 -13.88
HO1 EDO E . -12.11 18.84 -15.21
H21 EDO E . -14.93 18.23 -13.39
H22 EDO E . -14.04 18.80 -11.98
HO2 EDO E . -15.07 16.78 -11.56
S SO4 F . 14.38 1.70 -1.15
O1 SO4 F . 14.61 1.69 0.27
O2 SO4 F . 13.82 0.44 -1.57
O3 SO4 F . 15.64 1.88 -1.86
O4 SO4 F . 13.47 2.80 -1.48
S SO4 G . 13.17 1.37 -4.89
O1 SO4 G . 12.69 1.25 -6.26
O2 SO4 G . 12.85 0.12 -4.22
O3 SO4 G . 12.56 2.57 -4.24
O4 SO4 G . 14.62 1.56 -4.85
MG MG H . 13.24 4.09 -3.05
MG MG I . 13.58 -1.16 -2.53
K K J . 16.07 6.54 -4.02
NA NA K . -14.05 19.62 -9.97
NA NA L . 4.37 -14.49 -6.70
NA NA M . -17.91 -3.49 0.82
NA NA N . -2.56 -1.35 -9.75
#